data_6EX1
#
_entry.id   6EX1
#
_cell.length_a   62.980
_cell.length_b   71.467
_cell.length_c   120.942
_cell.angle_alpha   90.00
_cell.angle_beta   90.00
_cell.angle_gamma   90.00
#
_symmetry.space_group_name_H-M   'P 21 21 21'
#
loop_
_entity.id
_entity.type
_entity.pdbx_description
1 polymer 'Carbonic anhydrase 1'
2 non-polymer 'ZINC ION'
3 non-polymer 4-[(3~{R})-3-(phenylmethyl)piperazin-1-yl]carbonylbenzenesulfonamide
4 non-polymer 'ACETATE ION'
5 non-polymer GLYCEROL
6 water water
#
_entity_poly.entity_id   1
_entity_poly.type   'polypeptide(L)'
_entity_poly.pdbx_seq_one_letter_code
;MASPDWGYDDKNGPEQWSKLYPIANGNNQSPVDIKTSETKHDTSLKPISVSYNPATAKEIINVGHSFHVNFEDNDNRSVL
KGGPFSDSYRLFQFHFHWGSTNEHGSEHTVDGVKYSAELHVAHWNSAKYSSLAEAASKADGLAVIGVLMKVGEANPKLQK
VLDALQAIKTKGKRAPFTNFDPSTLLPSSLDFWTYPGSLTHPPLYESVTWIICKESISVSSEQLAQFRSLLSNVEGDNAV
PMQHNNRPTQPLKGRTVRASF
;
_entity_poly.pdbx_strand_id   A,B
#
# COMPACT_ATOMS: atom_id res chain seq x y z
N ASP A 5 8.97 -35.69 9.52
CA ASP A 5 8.20 -34.95 8.47
C ASP A 5 7.81 -33.54 8.93
N TRP A 6 6.54 -33.17 8.75
CA TRP A 6 6.06 -31.82 9.08
C TRP A 6 4.71 -31.88 9.80
N GLY A 7 4.37 -30.80 10.49
CA GLY A 7 3.09 -30.71 11.17
C GLY A 7 2.69 -29.29 11.55
N TYR A 8 1.90 -29.20 12.61
CA TYR A 8 1.44 -27.90 13.12
C TYR A 8 1.80 -27.68 14.59
N ASP A 9 2.44 -28.66 15.22
CA ASP A 9 2.89 -28.47 16.60
C ASP A 9 4.21 -27.68 16.66
N ASP A 10 4.86 -27.70 17.81
CA ASP A 10 6.03 -26.85 18.05
C ASP A 10 7.26 -27.13 17.16
N LYS A 11 7.73 -28.37 17.16
CA LYS A 11 8.97 -28.71 16.46
C LYS A 11 8.83 -28.84 14.95
N ASN A 12 7.65 -29.22 14.48
CA ASN A 12 7.44 -29.47 13.04
C ASN A 12 6.48 -28.49 12.35
N GLY A 13 6.10 -27.43 13.05
CA GLY A 13 5.07 -26.49 12.59
C GLY A 13 5.50 -25.44 11.59
N PRO A 14 4.56 -24.56 11.19
CA PRO A 14 4.77 -23.54 10.16
C PRO A 14 6.08 -22.77 10.28
N GLU A 15 6.40 -22.28 11.48
CA GLU A 15 7.61 -21.48 11.71
C GLU A 15 8.91 -22.20 11.30
N GLN A 16 8.87 -23.53 11.27
CA GLN A 16 10.06 -24.34 10.95
C GLN A 16 10.05 -25.00 9.56
N TRP A 17 8.94 -24.90 8.82
CA TRP A 17 8.81 -25.56 7.51
C TRP A 17 9.91 -25.21 6.50
N SER A 18 10.47 -24.00 6.62
CA SER A 18 11.47 -23.52 5.66
C SER A 18 12.76 -24.32 5.67
N LYS A 19 13.03 -25.03 6.77
CA LYS A 19 14.23 -25.85 6.90
C LYS A 19 14.25 -27.02 5.91
N LEU A 20 13.08 -27.63 5.70
CA LEU A 20 12.93 -28.71 4.73
C LEU A 20 12.36 -28.20 3.40
N TYR A 21 11.59 -27.12 3.47
CA TYR A 21 10.98 -26.53 2.28
C TYR A 21 11.32 -25.05 2.18
N PRO A 22 12.47 -24.73 1.56
CA PRO A 22 12.94 -23.34 1.39
C PRO A 22 11.93 -22.41 0.74
N ILE A 23 11.07 -22.93 -0.15
CA ILE A 23 10.03 -22.15 -0.81
C ILE A 23 9.06 -21.48 0.20
N ALA A 24 9.06 -21.96 1.44
CA ALA A 24 8.23 -21.37 2.51
C ALA A 24 8.49 -19.86 2.69
N ASN A 25 9.73 -19.44 2.42
CA ASN A 25 10.09 -18.02 2.42
C ASN A 25 10.04 -17.41 1.02
N GLY A 26 9.24 -18.00 0.12
CA GLY A 26 9.18 -17.57 -1.27
C GLY A 26 8.44 -16.26 -1.48
N ASN A 27 8.19 -15.93 -2.74
CA ASN A 27 7.52 -14.68 -3.11
C ASN A 27 6.02 -14.80 -3.38
N ASN A 28 5.53 -16.04 -3.49
CA ASN A 28 4.11 -16.29 -3.75
C ASN A 28 3.49 -17.23 -2.73
N GLN A 29 3.77 -16.99 -1.46
CA GLN A 29 3.25 -17.84 -0.38
C GLN A 29 1.83 -17.48 0.07
N SER A 30 1.09 -18.51 0.49
CA SER A 30 -0.29 -18.37 0.96
C SER A 30 -0.38 -18.98 2.36
N PRO A 31 -1.33 -18.54 3.20
CA PRO A 31 -2.33 -17.54 2.85
C PRO A 31 -1.82 -16.12 3.11
N VAL A 32 -2.66 -15.14 2.81
CA VAL A 32 -2.34 -13.73 2.98
C VAL A 32 -3.45 -12.99 3.73
N ASP A 33 -3.12 -11.83 4.29
CA ASP A 33 -4.14 -10.89 4.76
C ASP A 33 -4.60 -10.05 3.59
N ILE A 34 -5.90 -10.07 3.31
CA ILE A 34 -6.46 -9.24 2.26
C ILE A 34 -6.83 -7.88 2.86
N LYS A 35 -6.08 -6.84 2.47
CA LYS A 35 -6.41 -5.45 2.82
C LYS A 35 -7.31 -4.82 1.74
N THR A 36 -8.56 -4.54 2.10
CA THR A 36 -9.57 -4.16 1.11
C THR A 36 -9.34 -2.79 0.48
N SER A 37 -8.62 -1.93 1.20
CA SER A 37 -8.24 -0.61 0.70
C SER A 37 -7.11 -0.69 -0.34
N GLU A 38 -6.41 -1.84 -0.36
CA GLU A 38 -5.29 -2.05 -1.27
C GLU A 38 -5.60 -2.99 -2.44
N THR A 39 -6.82 -3.51 -2.50
CA THR A 39 -7.24 -4.37 -3.60
C THR A 39 -7.55 -3.53 -4.85
N LYS A 40 -7.34 -4.10 -6.02
CA LYS A 40 -7.63 -3.41 -7.27
C LYS A 40 -8.76 -4.09 -8.00
N HIS A 41 -9.84 -3.36 -8.25
CA HIS A 41 -10.98 -3.90 -8.99
C HIS A 41 -10.55 -4.21 -10.41
N ASP A 42 -10.99 -5.36 -10.92
CA ASP A 42 -10.67 -5.79 -12.26
C ASP A 42 -11.94 -6.13 -13.04
N THR A 43 -12.17 -5.36 -14.11
CA THR A 43 -13.38 -5.46 -14.91
C THR A 43 -13.35 -6.66 -15.84
N SER A 44 -12.16 -7.21 -16.08
CA SER A 44 -12.01 -8.36 -16.97
C SER A 44 -12.37 -9.70 -16.28
N LEU A 45 -12.39 -9.69 -14.95
CA LEU A 45 -12.77 -10.88 -14.17
C LEU A 45 -14.20 -11.29 -14.46
N LYS A 46 -14.36 -12.46 -15.05
CA LYS A 46 -15.67 -13.04 -15.31
C LYS A 46 -16.24 -13.60 -14.01
N PRO A 47 -17.57 -13.85 -13.96
CA PRO A 47 -18.10 -14.55 -12.79
C PRO A 47 -17.60 -16.00 -12.70
N ILE A 48 -17.44 -16.48 -11.46
CA ILE A 48 -17.04 -17.86 -11.20
C ILE A 48 -18.23 -18.76 -11.53
N SER A 49 -17.99 -19.81 -12.29
CA SER A 49 -19.01 -20.82 -12.52
C SER A 49 -18.50 -22.19 -12.10
N VAL A 50 -19.21 -22.82 -11.17
CA VAL A 50 -18.92 -24.19 -10.78
C VAL A 50 -20.04 -25.11 -11.24
N SER A 51 -19.66 -26.27 -11.77
CA SER A 51 -20.63 -27.26 -12.20
C SER A 51 -20.09 -28.62 -11.76
N TYR A 52 -20.56 -29.07 -10.60
CA TYR A 52 -20.07 -30.32 -10.02
C TYR A 52 -21.10 -31.42 -10.10
N ASN A 53 -20.66 -32.62 -10.49
CA ASN A 53 -21.51 -33.80 -10.55
C ASN A 53 -21.41 -34.59 -9.23
N PRO A 54 -22.52 -34.76 -8.49
CA PRO A 54 -22.47 -35.46 -7.19
C PRO A 54 -21.92 -36.89 -7.30
N ALA A 55 -22.02 -37.49 -8.49
CA ALA A 55 -21.50 -38.84 -8.75
C ALA A 55 -19.95 -38.92 -8.73
N THR A 56 -19.27 -37.78 -8.75
CA THR A 56 -17.80 -37.80 -8.68
C THR A 56 -17.23 -37.91 -7.25
N ALA A 57 -18.06 -37.68 -6.24
CA ALA A 57 -17.60 -37.82 -4.85
C ALA A 57 -17.17 -39.27 -4.62
N LYS A 58 -16.01 -39.46 -4.01
CA LYS A 58 -15.42 -40.79 -3.94
C LYS A 58 -15.20 -41.30 -2.52
N GLU A 59 -14.46 -40.54 -1.72
CA GLU A 59 -13.87 -41.08 -0.52
C GLU A 59 -13.53 -39.95 0.47
N ILE A 60 -13.64 -40.25 1.76
CA ILE A 60 -13.18 -39.35 2.84
C ILE A 60 -12.01 -40.00 3.59
N ILE A 61 -10.97 -39.22 3.84
CA ILE A 61 -9.69 -39.76 4.35
CA ILE A 61 -9.72 -39.78 4.37
C ILE A 61 -9.11 -38.93 5.49
N ASN A 62 -8.71 -39.60 6.56
CA ASN A 62 -8.01 -38.97 7.64
C ASN A 62 -6.52 -38.96 7.29
N VAL A 63 -5.98 -37.76 7.06
CA VAL A 63 -4.58 -37.59 6.63
C VAL A 63 -3.63 -37.14 7.75
N GLY A 64 -4.05 -37.33 8.99
CA GLY A 64 -3.20 -37.07 10.15
C GLY A 64 -3.28 -35.65 10.65
N HIS A 65 -3.06 -34.68 9.76
CA HIS A 65 -3.13 -33.25 10.12
C HIS A 65 -4.48 -32.64 9.76
N SER A 66 -5.32 -33.40 9.07
CA SER A 66 -6.56 -32.91 8.51
C SER A 66 -7.35 -34.11 7.97
N PHE A 67 -8.43 -33.82 7.25
CA PHE A 67 -9.15 -34.83 6.49
C PHE A 67 -9.52 -34.26 5.13
N HIS A 68 -9.54 -35.11 4.11
CA HIS A 68 -9.87 -34.69 2.75
C HIS A 68 -11.06 -35.48 2.23
N VAL A 69 -11.91 -34.82 1.45
CA VAL A 69 -12.96 -35.51 0.69
C VAL A 69 -12.52 -35.49 -0.77
N ASN A 70 -12.25 -36.67 -1.30
CA ASN A 70 -11.73 -36.79 -2.66
C ASN A 70 -12.80 -37.11 -3.69
N PHE A 71 -12.53 -36.65 -4.92
CA PHE A 71 -13.43 -36.82 -6.03
C PHE A 71 -12.74 -37.52 -7.19
N GLU A 72 -13.50 -38.34 -7.92
CA GLU A 72 -13.02 -38.93 -9.18
C GLU A 72 -12.67 -37.79 -10.13
N ASP A 73 -11.43 -37.80 -10.63
CA ASP A 73 -10.94 -36.73 -11.51
C ASP A 73 -10.40 -37.25 -12.86
N ASN A 74 -11.09 -38.24 -13.43
CA ASN A 74 -10.72 -38.85 -14.72
C ASN A 74 -11.31 -38.16 -15.94
N ASP A 75 -12.37 -37.38 -15.74
CA ASP A 75 -13.00 -36.62 -16.83
C ASP A 75 -13.54 -35.29 -16.32
N ASN A 76 -14.21 -34.54 -17.19
CA ASN A 76 -14.67 -33.20 -16.85
C ASN A 76 -16.11 -33.08 -16.32
N ARG A 77 -16.57 -34.10 -15.60
CA ARG A 77 -17.90 -34.06 -14.97
C ARG A 77 -18.02 -32.97 -13.89
N SER A 78 -16.92 -32.64 -13.22
CA SER A 78 -16.91 -31.64 -12.15
C SER A 78 -15.89 -30.55 -12.39
N VAL A 79 -16.35 -29.38 -12.81
CA VAL A 79 -15.44 -28.33 -13.30
C VAL A 79 -15.66 -26.94 -12.69
N LEU A 80 -14.57 -26.18 -12.64
CA LEU A 80 -14.59 -24.76 -12.33
C LEU A 80 -14.17 -23.98 -13.57
N LYS A 81 -14.93 -22.94 -13.91
CA LYS A 81 -14.63 -22.05 -15.05
C LYS A 81 -14.85 -20.58 -14.65
N GLY A 82 -14.38 -19.67 -15.48
CA GLY A 82 -14.65 -18.24 -15.27
C GLY A 82 -13.60 -17.57 -14.41
N GLY A 83 -14.00 -16.54 -13.70
CA GLY A 83 -13.08 -15.77 -12.85
C GLY A 83 -11.91 -15.22 -13.66
N PRO A 84 -10.67 -15.51 -13.23
CA PRO A 84 -9.50 -15.10 -13.99
C PRO A 84 -9.05 -16.13 -15.03
N PHE A 85 -9.80 -17.21 -15.19
CA PHE A 85 -9.34 -18.37 -15.97
C PHE A 85 -9.86 -18.43 -17.40
N SER A 86 -8.97 -18.81 -18.31
CA SER A 86 -9.35 -19.17 -19.67
C SER A 86 -9.58 -20.67 -19.75
N ASP A 87 -8.86 -21.42 -18.91
CA ASP A 87 -8.91 -22.88 -18.87
C ASP A 87 -9.98 -23.39 -17.90
N SER A 88 -10.52 -24.58 -18.18
CA SER A 88 -11.41 -25.29 -17.26
C SER A 88 -10.56 -26.02 -16.22
N TYR A 89 -10.99 -26.00 -14.96
CA TYR A 89 -10.24 -26.69 -13.89
C TYR A 89 -11.08 -27.81 -13.29
N ARG A 90 -10.44 -28.97 -13.05
CA ARG A 90 -11.15 -30.15 -12.59
C ARG A 90 -11.07 -30.30 -11.07
N LEU A 91 -12.23 -30.42 -10.44
CA LEU A 91 -12.34 -30.67 -8.99
C LEU A 91 -11.63 -31.96 -8.62
N PHE A 92 -10.81 -31.93 -7.57
CA PHE A 92 -10.24 -33.18 -7.03
C PHE A 92 -10.45 -33.45 -5.53
N GLN A 93 -10.63 -32.39 -4.75
CA GLN A 93 -10.89 -32.54 -3.30
C GLN A 93 -11.37 -31.26 -2.64
N PHE A 94 -11.98 -31.42 -1.48
CA PHE A 94 -12.19 -30.30 -0.57
C PHE A 94 -11.80 -30.70 0.84
N HIS A 95 -11.47 -29.71 1.66
CA HIS A 95 -11.07 -29.91 3.05
C HIS A 95 -11.23 -28.61 3.81
N PHE A 96 -10.94 -28.65 5.11
CA PHE A 96 -11.09 -27.48 5.95
C PHE A 96 -9.81 -27.21 6.70
N HIS A 97 -9.68 -25.99 7.22
CA HIS A 97 -8.70 -25.69 8.24
C HIS A 97 -9.45 -25.09 9.42
N TRP A 98 -8.92 -25.31 10.61
CA TRP A 98 -9.52 -24.76 11.83
C TRP A 98 -8.44 -24.43 12.86
N GLY A 99 -8.87 -23.84 13.98
CA GLY A 99 -7.93 -23.43 15.03
C GLY A 99 -8.28 -24.04 16.37
N SER A 100 -7.43 -23.78 17.36
CA SER A 100 -7.57 -24.29 18.72
C SER A 100 -8.83 -23.74 19.40
N THR A 101 -9.14 -22.48 19.12
CA THR A 101 -10.32 -21.82 19.68
C THR A 101 -11.12 -21.20 18.54
N ASN A 102 -12.36 -20.82 18.81
CA ASN A 102 -13.20 -20.08 17.86
C ASN A 102 -12.56 -18.77 17.36
N GLU A 103 -11.71 -18.17 18.19
CA GLU A 103 -11.12 -16.85 17.93
C GLU A 103 -10.17 -16.83 16.73
N HIS A 104 -9.68 -17.99 16.34
CA HIS A 104 -8.86 -18.11 15.16
C HIS A 104 -9.17 -19.41 14.44
N GLY A 105 -8.53 -19.66 13.32
CA GLY A 105 -8.75 -20.90 12.61
C GLY A 105 -8.75 -20.82 11.12
N SER A 106 -9.19 -19.68 10.57
CA SER A 106 -9.11 -19.46 9.12
C SER A 106 -7.63 -19.29 8.73
N GLU A 107 -7.35 -19.46 7.45
CA GLU A 107 -5.99 -19.24 6.98
C GLU A 107 -5.85 -17.82 6.42
N HIS A 108 -6.69 -17.49 5.45
CA HIS A 108 -6.78 -16.12 4.98
C HIS A 108 -7.45 -15.25 6.05
N THR A 109 -7.05 -13.98 6.11
CA THR A 109 -7.72 -12.99 6.97
C THR A 109 -8.09 -11.81 6.07
N VAL A 110 -9.11 -11.05 6.48
CA VAL A 110 -9.59 -9.91 5.70
C VAL A 110 -9.55 -8.67 6.59
N ASP A 111 -8.71 -7.70 6.21
CA ASP A 111 -8.43 -6.50 7.03
C ASP A 111 -8.08 -6.88 8.47
N GLY A 112 -7.20 -7.88 8.59
CA GLY A 112 -6.74 -8.35 9.90
C GLY A 112 -7.68 -9.24 10.68
N VAL A 113 -8.91 -9.38 10.22
CA VAL A 113 -9.91 -10.18 10.94
C VAL A 113 -9.70 -11.68 10.69
N LYS A 114 -9.57 -12.45 11.76
CA LYS A 114 -9.43 -13.91 11.70
C LYS A 114 -10.79 -14.56 11.89
N TYR A 115 -11.10 -15.53 11.04
CA TYR A 115 -12.35 -16.29 11.16
C TYR A 115 -12.10 -17.64 11.85
N SER A 116 -13.16 -18.41 12.08
CA SER A 116 -13.07 -19.61 12.93
C SER A 116 -12.56 -20.82 12.17
N ALA A 117 -12.81 -20.85 10.87
CA ALA A 117 -12.40 -21.96 10.00
C ALA A 117 -12.37 -21.48 8.56
N GLU A 118 -11.94 -22.34 7.64
CA GLU A 118 -11.93 -22.00 6.22
C GLU A 118 -12.12 -23.27 5.41
N LEU A 119 -12.97 -23.17 4.39
CA LEU A 119 -13.20 -24.26 3.44
C LEU A 119 -12.34 -24.04 2.20
N HIS A 120 -11.60 -25.07 1.82
CA HIS A 120 -10.84 -25.08 0.56
C HIS A 120 -11.36 -26.11 -0.44
N VAL A 121 -11.69 -25.67 -1.65
CA VAL A 121 -12.17 -26.56 -2.72
C VAL A 121 -11.12 -26.49 -3.84
N ALA A 122 -10.42 -27.60 -4.07
CA ALA A 122 -9.22 -27.60 -4.91
C ALA A 122 -9.46 -28.24 -6.28
N HIS A 123 -8.82 -27.67 -7.31
CA HIS A 123 -9.00 -28.08 -8.71
C HIS A 123 -7.65 -28.10 -9.41
N TRP A 124 -7.52 -28.88 -10.49
CA TRP A 124 -6.28 -28.86 -11.29
C TRP A 124 -6.57 -28.57 -12.76
N ASN A 125 -5.60 -27.96 -13.43
CA ASN A 125 -5.76 -27.51 -14.82
C ASN A 125 -5.72 -28.68 -15.81
N SER A 126 -6.89 -29.13 -16.24
CA SER A 126 -6.98 -30.29 -17.14
C SER A 126 -7.01 -29.89 -18.62
N ALA A 127 -7.09 -28.59 -18.88
CA ALA A 127 -6.97 -28.08 -20.25
C ALA A 127 -5.51 -28.13 -20.68
N LYS A 128 -4.62 -27.81 -19.75
CA LYS A 128 -3.19 -27.73 -20.02
C LYS A 128 -2.42 -29.02 -19.69
N TYR A 129 -2.88 -29.72 -18.66
CA TYR A 129 -2.12 -30.86 -18.12
C TYR A 129 -2.94 -32.13 -18.11
N SER A 130 -2.25 -33.27 -17.99
CA SER A 130 -2.88 -34.58 -18.10
C SER A 130 -3.25 -35.21 -16.75
N SER A 131 -2.62 -34.74 -15.68
CA SER A 131 -2.86 -35.30 -14.35
C SER A 131 -2.63 -34.27 -13.26
N LEU A 132 -3.18 -34.56 -12.08
CA LEU A 132 -2.91 -33.77 -10.88
C LEU A 132 -1.42 -33.71 -10.55
N ALA A 133 -0.75 -34.86 -10.62
CA ALA A 133 0.68 -34.93 -10.32
C ALA A 133 1.51 -34.02 -11.23
N GLU A 134 1.13 -33.94 -12.51
CA GLU A 134 1.77 -33.03 -13.48
C GLU A 134 1.45 -31.55 -13.17
N ALA A 135 0.17 -31.28 -12.89
CA ALA A 135 -0.32 -29.92 -12.64
C ALA A 135 0.21 -29.28 -11.34
N ALA A 136 0.47 -30.11 -10.34
CA ALA A 136 0.68 -29.66 -8.95
C ALA A 136 1.81 -28.66 -8.72
N SER A 137 2.85 -28.73 -9.56
CA SER A 137 4.03 -27.89 -9.39
C SER A 137 4.09 -26.76 -10.42
N LYS A 138 3.06 -26.66 -11.27
CA LYS A 138 3.01 -25.67 -12.34
C LYS A 138 2.38 -24.37 -11.85
N ALA A 139 2.90 -23.24 -12.34
CA ALA A 139 2.40 -21.92 -11.95
C ALA A 139 0.89 -21.80 -12.15
N ASP A 140 0.38 -22.37 -13.24
CA ASP A 140 -1.05 -22.30 -13.55
C ASP A 140 -1.76 -23.64 -13.36
N GLY A 141 -1.21 -24.50 -12.51
CA GLY A 141 -1.69 -25.85 -12.37
C GLY A 141 -2.88 -26.06 -11.45
N LEU A 142 -2.98 -25.25 -10.39
CA LEU A 142 -4.03 -25.41 -9.37
C LEU A 142 -4.91 -24.18 -9.18
N ALA A 143 -6.17 -24.42 -8.84
CA ALA A 143 -7.10 -23.36 -8.45
C ALA A 143 -7.84 -23.81 -7.20
N VAL A 144 -7.83 -22.96 -6.18
CA VAL A 144 -8.51 -23.27 -4.91
C VAL A 144 -9.47 -22.15 -4.54
N ILE A 145 -10.74 -22.52 -4.34
CA ILE A 145 -11.76 -21.61 -3.77
C ILE A 145 -11.61 -21.66 -2.26
N GLY A 146 -11.43 -20.49 -1.64
CA GLY A 146 -11.40 -20.37 -0.18
C GLY A 146 -12.65 -19.66 0.31
N VAL A 147 -13.28 -20.24 1.33
CA VAL A 147 -14.50 -19.68 1.92
C VAL A 147 -14.28 -19.55 3.43
N LEU A 148 -14.37 -18.33 3.92
CA LEU A 148 -14.18 -18.03 5.33
C LEU A 148 -15.42 -18.50 6.07
N MET A 149 -15.20 -19.14 7.22
CA MET A 149 -16.28 -19.69 8.02
C MET A 149 -16.38 -18.95 9.35
N LYS A 150 -17.52 -18.31 9.57
CA LYS A 150 -17.76 -17.47 10.74
C LYS A 150 -18.59 -18.22 11.78
N VAL A 151 -18.09 -18.28 13.01
CA VAL A 151 -18.82 -18.97 14.06
C VAL A 151 -20.19 -18.33 14.33
N GLY A 152 -21.23 -19.16 14.35
CA GLY A 152 -22.59 -18.68 14.60
C GLY A 152 -23.54 -19.86 14.58
N GLU A 153 -24.54 -19.78 13.72
CA GLU A 153 -25.57 -20.79 13.58
C GLU A 153 -25.05 -22.09 12.95
N ALA A 154 -25.55 -23.23 13.40
CA ALA A 154 -25.17 -24.52 12.82
C ALA A 154 -25.42 -24.50 11.31
N ASN A 155 -24.47 -25.05 10.56
CA ASN A 155 -24.57 -25.13 9.11
C ASN A 155 -25.08 -26.50 8.69
N PRO A 156 -26.37 -26.60 8.31
CA PRO A 156 -26.88 -27.93 7.96
C PRO A 156 -26.21 -28.57 6.73
N LYS A 157 -25.69 -27.75 5.81
CA LYS A 157 -24.97 -28.26 4.64
C LYS A 157 -23.69 -29.03 5.01
N LEU A 158 -23.11 -28.68 6.15
CA LEU A 158 -21.90 -29.35 6.66
C LEU A 158 -22.18 -30.74 7.22
N GLN A 159 -23.44 -31.00 7.57
CA GLN A 159 -23.81 -32.19 8.33
C GLN A 159 -23.39 -33.53 7.75
N LYS A 160 -23.63 -33.75 6.45
CA LYS A 160 -23.21 -35.02 5.81
C LYS A 160 -21.70 -35.24 5.95
N VAL A 161 -20.92 -34.16 5.81
CA VAL A 161 -19.46 -34.24 6.00
C VAL A 161 -19.14 -34.60 7.45
N LEU A 162 -19.73 -33.87 8.39
CA LEU A 162 -19.53 -34.12 9.82
C LEU A 162 -19.98 -35.51 10.26
N ASP A 163 -21.11 -35.98 9.74
CA ASP A 163 -21.63 -37.33 10.02
C ASP A 163 -20.67 -38.43 9.61
N ALA A 164 -19.87 -38.17 8.58
CA ALA A 164 -18.94 -39.18 8.03
C ALA A 164 -17.68 -39.35 8.88
N LEU A 165 -17.40 -38.37 9.75
CA LEU A 165 -16.14 -38.36 10.50
C LEU A 165 -15.97 -39.50 11.52
N GLN A 166 -17.09 -40.03 12.02
CA GLN A 166 -17.03 -41.12 12.99
C GLN A 166 -16.42 -42.40 12.42
N ALA A 167 -16.39 -42.49 11.10
CA ALA A 167 -15.85 -43.66 10.40
C ALA A 167 -14.37 -43.52 10.03
N ILE A 168 -13.82 -42.32 10.21
CA ILE A 168 -12.40 -42.08 9.91
C ILE A 168 -11.70 -41.37 11.06
N LYS A 169 -11.95 -41.84 12.28
CA LYS A 169 -11.51 -41.14 13.48
C LYS A 169 -10.00 -41.01 13.63
N THR A 170 -9.24 -42.00 13.16
CA THR A 170 -7.79 -42.05 13.35
C THR A 170 -7.02 -42.02 12.02
N LYS A 171 -5.75 -41.66 12.11
CA LYS A 171 -4.90 -41.46 10.92
C LYS A 171 -4.88 -42.64 9.97
N GLY A 172 -5.02 -42.35 8.68
CA GLY A 172 -4.98 -43.37 7.64
C GLY A 172 -6.31 -44.01 7.36
N LYS A 173 -7.29 -43.82 8.24
CA LYS A 173 -8.61 -44.38 8.00
C LYS A 173 -9.24 -43.68 6.80
N ARG A 174 -9.93 -44.47 5.98
CA ARG A 174 -10.66 -43.92 4.84
C ARG A 174 -11.97 -44.67 4.66
N ALA A 175 -12.94 -44.00 4.03
CA ALA A 175 -14.27 -44.57 3.83
C ALA A 175 -14.90 -43.98 2.58
N PRO A 176 -15.81 -44.75 1.93
CA PRO A 176 -16.53 -44.20 0.79
C PRO A 176 -17.33 -42.97 1.19
N PHE A 177 -17.39 -41.99 0.31
CA PHE A 177 -18.16 -40.78 0.55
C PHE A 177 -18.70 -40.42 -0.81
N THR A 178 -19.97 -40.73 -1.05
CA THR A 178 -20.52 -40.66 -2.40
C THR A 178 -21.72 -39.72 -2.51
N ASN A 179 -22.07 -39.39 -3.75
CA ASN A 179 -23.29 -38.63 -4.05
C ASN A 179 -23.35 -37.28 -3.30
N PHE A 180 -22.32 -36.46 -3.51
CA PHE A 180 -22.22 -35.17 -2.83
C PHE A 180 -21.66 -34.08 -3.76
N ASP A 181 -22.40 -32.98 -3.82
CA ASP A 181 -22.05 -31.80 -4.60
C ASP A 181 -21.57 -30.71 -3.64
N PRO A 182 -20.24 -30.42 -3.63
CA PRO A 182 -19.70 -29.45 -2.67
C PRO A 182 -20.02 -27.98 -2.99
N SER A 183 -20.63 -27.72 -4.15
CA SER A 183 -21.13 -26.35 -4.42
C SER A 183 -22.28 -25.98 -3.47
N THR A 184 -22.91 -26.97 -2.86
CA THR A 184 -23.92 -26.73 -1.82
C THR A 184 -23.33 -26.11 -0.55
N LEU A 185 -22.00 -26.13 -0.45
CA LEU A 185 -21.29 -25.53 0.70
C LEU A 185 -20.88 -24.09 0.47
N LEU A 186 -20.91 -23.66 -0.79
CA LEU A 186 -20.46 -22.32 -1.17
C LEU A 186 -21.50 -21.26 -0.80
N PRO A 187 -21.06 -20.01 -0.54
CA PRO A 187 -22.03 -18.96 -0.24
C PRO A 187 -22.88 -18.61 -1.47
N SER A 188 -24.05 -18.01 -1.24
CA SER A 188 -24.98 -17.68 -2.34
C SER A 188 -24.39 -16.67 -3.34
N SER A 189 -23.64 -15.70 -2.82
CA SER A 189 -22.91 -14.75 -3.65
C SER A 189 -21.52 -15.30 -3.91
N LEU A 190 -21.10 -15.27 -5.17
CA LEU A 190 -19.75 -15.73 -5.53
C LEU A 190 -18.76 -14.59 -5.89
N ASP A 191 -19.06 -13.37 -5.42
CA ASP A 191 -18.11 -12.26 -5.46
C ASP A 191 -16.81 -12.67 -4.80
N PHE A 192 -15.68 -12.34 -5.41
CA PHE A 192 -14.41 -12.88 -4.95
C PHE A 192 -13.20 -11.95 -5.07
N TRP A 193 -12.18 -12.26 -4.29
CA TRP A 193 -10.82 -11.76 -4.50
C TRP A 193 -9.98 -12.87 -5.17
N THR A 194 -8.99 -12.47 -5.96
CA THR A 194 -8.03 -13.44 -6.50
C THR A 194 -6.59 -12.93 -6.44
N TYR A 195 -5.66 -13.84 -6.16
CA TYR A 195 -4.23 -13.55 -6.20
C TYR A 195 -3.45 -14.82 -6.53
N PRO A 196 -2.21 -14.66 -7.06
CA PRO A 196 -1.34 -15.82 -7.31
C PRO A 196 -0.63 -16.25 -6.03
N GLY A 197 -0.78 -17.51 -5.64
CA GLY A 197 -0.24 -17.99 -4.38
C GLY A 197 0.26 -19.42 -4.40
N SER A 198 0.13 -20.10 -3.26
CA SER A 198 0.77 -21.39 -3.06
C SER A 198 -0.13 -22.35 -2.29
N LEU A 199 0.32 -23.60 -2.16
CA LEU A 199 -0.27 -24.53 -1.20
C LEU A 199 0.05 -23.98 0.18
N THR A 200 -0.88 -24.11 1.12
CA THR A 200 -0.67 -23.53 2.46
C THR A 200 0.04 -24.48 3.43
N HIS A 201 0.38 -25.68 2.96
CA HIS A 201 1.25 -26.57 3.72
C HIS A 201 2.22 -27.30 2.77
N PRO A 202 3.27 -27.96 3.32
CA PRO A 202 4.21 -28.68 2.45
C PRO A 202 3.48 -29.57 1.43
N PRO A 203 3.95 -29.62 0.18
CA PRO A 203 5.25 -29.05 -0.25
C PRO A 203 5.25 -27.56 -0.61
N LEU A 204 4.14 -26.86 -0.40
CA LEU A 204 4.11 -25.39 -0.52
C LEU A 204 4.40 -24.83 -1.92
N TYR A 205 4.10 -25.62 -2.96
CA TYR A 205 4.30 -25.21 -4.35
C TYR A 205 3.55 -23.93 -4.67
N GLU A 206 4.20 -23.03 -5.40
CA GLU A 206 3.59 -21.76 -5.79
C GLU A 206 2.83 -21.95 -7.08
N SER A 207 1.77 -22.76 -6.98
CA SER A 207 1.05 -23.25 -8.14
C SER A 207 -0.43 -22.94 -8.11
N VAL A 208 -0.86 -22.17 -7.10
CA VAL A 208 -2.28 -21.95 -6.83
C VAL A 208 -2.76 -20.54 -7.20
N THR A 209 -3.79 -20.47 -8.03
CA THR A 209 -4.56 -19.24 -8.18
C THR A 209 -5.68 -19.31 -7.15
N TRP A 210 -5.66 -18.38 -6.20
CA TRP A 210 -6.64 -18.36 -5.12
C TRP A 210 -7.88 -17.58 -5.52
N ILE A 211 -9.04 -18.14 -5.17
CA ILE A 211 -10.34 -17.49 -5.32
C ILE A 211 -10.92 -17.44 -3.90
N ILE A 212 -10.95 -16.24 -3.31
CA ILE A 212 -11.45 -16.08 -1.94
C ILE A 212 -12.80 -15.39 -2.00
N CYS A 213 -13.83 -16.06 -1.49
CA CYS A 213 -15.19 -15.49 -1.49
C CYS A 213 -15.28 -14.34 -0.49
N LYS A 214 -16.01 -13.30 -0.86
CA LYS A 214 -16.18 -12.18 0.09
C LYS A 214 -17.23 -12.52 1.14
N GLU A 215 -18.22 -13.32 0.76
CA GLU A 215 -19.27 -13.75 1.67
C GLU A 215 -18.80 -14.96 2.47
N SER A 216 -19.00 -14.92 3.78
CA SER A 216 -18.68 -16.06 4.65
C SER A 216 -19.82 -17.09 4.67
N ILE A 217 -19.53 -18.29 5.19
CA ILE A 217 -20.58 -19.24 5.53
C ILE A 217 -20.52 -19.47 7.04
N SER A 218 -21.59 -20.03 7.60
CA SER A 218 -21.67 -20.24 9.05
CA SER A 218 -21.67 -20.24 9.05
C SER A 218 -21.10 -21.60 9.47
N VAL A 219 -20.81 -21.72 10.76
CA VAL A 219 -20.41 -22.97 11.40
C VAL A 219 -20.70 -22.76 12.89
N SER A 220 -21.24 -23.76 13.57
CA SER A 220 -21.49 -23.63 15.01
C SER A 220 -20.25 -24.00 15.83
N SER A 221 -20.25 -23.55 17.08
CA SER A 221 -19.17 -23.87 18.02
CA SER A 221 -19.19 -23.89 18.03
C SER A 221 -19.04 -25.40 18.20
N GLU A 222 -20.16 -26.10 18.18
CA GLU A 222 -20.17 -27.56 18.34
C GLU A 222 -19.71 -28.26 17.06
N GLN A 223 -20.04 -27.68 15.90
CA GLN A 223 -19.53 -28.20 14.63
C GLN A 223 -18.00 -28.13 14.57
N LEU A 224 -17.43 -27.01 15.02
CA LEU A 224 -15.97 -26.86 15.13
C LEU A 224 -15.37 -27.88 16.10
N ALA A 225 -16.10 -28.22 17.15
CA ALA A 225 -15.64 -29.23 18.12
C ALA A 225 -15.48 -30.59 17.45
N GLN A 226 -16.36 -30.89 16.49
CA GLN A 226 -16.29 -32.14 15.76
C GLN A 226 -15.03 -32.24 14.92
N PHE A 227 -14.63 -31.15 14.25
CA PHE A 227 -13.34 -31.10 13.55
C PHE A 227 -12.20 -31.40 14.53
N ARG A 228 -12.21 -30.71 15.68
CA ARG A 228 -11.14 -30.83 16.67
C ARG A 228 -11.13 -32.20 17.37
N SER A 229 -12.23 -32.94 17.23
CA SER A 229 -12.38 -34.29 17.78
C SER A 229 -11.63 -35.34 16.98
N LEU A 230 -11.33 -35.04 15.71
CA LEU A 230 -10.58 -35.98 14.88
C LEU A 230 -9.20 -36.23 15.47
N LEU A 231 -8.71 -37.45 15.32
CA LEU A 231 -7.45 -37.84 15.95
C LEU A 231 -6.31 -37.93 14.94
N SER A 232 -5.16 -37.41 15.33
CA SER A 232 -3.96 -37.44 14.48
C SER A 232 -3.16 -38.76 14.58
N ASN A 233 -3.42 -39.54 15.63
CA ASN A 233 -2.71 -40.81 15.87
C ASN A 233 -3.35 -41.96 15.11
N VAL A 234 -2.59 -43.05 14.96
CA VAL A 234 -3.14 -44.28 14.37
C VAL A 234 -3.95 -45.04 15.43
N GLU A 235 -4.92 -45.82 14.99
CA GLU A 235 -5.77 -46.61 15.89
C GLU A 235 -4.92 -47.44 16.86
N GLY A 236 -5.23 -47.35 18.15
CA GLY A 236 -4.55 -48.14 19.15
C GLY A 236 -3.57 -47.34 19.98
N ASP A 237 -3.06 -46.26 19.42
CA ASP A 237 -2.19 -45.35 20.16
C ASP A 237 -3.03 -44.41 21.03
N ASN A 238 -2.38 -43.70 21.96
CA ASN A 238 -3.09 -42.75 22.81
C ASN A 238 -3.64 -41.62 21.94
N ALA A 239 -4.88 -41.22 22.23
CA ALA A 239 -5.58 -40.24 21.40
C ALA A 239 -4.90 -38.88 21.39
N VAL A 240 -4.66 -38.35 20.20
CA VAL A 240 -4.11 -36.99 20.03
C VAL A 240 -5.03 -36.22 19.08
N PRO A 241 -5.97 -35.41 19.63
CA PRO A 241 -6.88 -34.62 18.80
C PRO A 241 -6.18 -33.63 17.87
N MET A 242 -6.75 -33.42 16.69
CA MET A 242 -6.31 -32.40 15.74
C MET A 242 -6.84 -31.03 16.16
N GLN A 243 -6.10 -30.35 17.03
CA GLN A 243 -6.56 -29.10 17.61
C GLN A 243 -6.58 -27.92 16.63
N HIS A 244 -5.59 -27.88 15.72
CA HIS A 244 -5.47 -26.79 14.75
C HIS A 244 -4.60 -27.16 13.53
N ASN A 245 -4.89 -26.53 12.40
CA ASN A 245 -4.15 -26.82 11.17
C ASN A 245 -4.09 -25.63 10.22
N ASN A 246 -4.12 -24.42 10.78
CA ASN A 246 -4.03 -23.19 9.97
C ASN A 246 -2.65 -22.55 9.98
N ARG A 247 -2.16 -22.21 8.79
CA ARG A 247 -0.87 -21.51 8.65
C ARG A 247 -1.08 -20.00 8.85
N PRO A 248 -0.12 -19.32 9.52
CA PRO A 248 -0.13 -17.86 9.64
C PRO A 248 -0.08 -17.19 8.26
N THR A 249 -0.65 -16.00 8.12
CA THR A 249 -0.62 -15.27 6.86
C THR A 249 0.81 -14.88 6.47
N GLN A 250 1.05 -14.75 5.17
CA GLN A 250 2.40 -14.57 4.63
C GLN A 250 2.52 -13.24 3.88
N PRO A 251 3.75 -12.68 3.81
CA PRO A 251 3.99 -11.39 3.12
C PRO A 251 3.54 -11.38 1.65
N LEU A 252 2.85 -10.32 1.25
CA LEU A 252 2.37 -10.17 -0.11
C LEU A 252 3.50 -10.06 -1.14
N LYS A 253 4.63 -9.48 -0.73
CA LYS A 253 5.81 -9.30 -1.60
C LYS A 253 5.47 -8.69 -2.95
N GLY A 254 4.67 -7.63 -2.94
CA GLY A 254 4.36 -6.89 -4.16
C GLY A 254 3.26 -7.44 -5.04
N ARG A 255 2.70 -8.60 -4.67
CA ARG A 255 1.56 -9.16 -5.40
C ARG A 255 0.34 -8.25 -5.26
N THR A 256 -0.51 -8.25 -6.27
CA THR A 256 -1.78 -7.52 -6.13
C THR A 256 -2.93 -8.50 -5.92
N VAL A 257 -3.74 -8.22 -4.91
CA VAL A 257 -5.01 -8.90 -4.74
C VAL A 257 -6.04 -8.17 -5.58
N ARG A 258 -6.67 -8.88 -6.51
CA ARG A 258 -7.71 -8.29 -7.35
C ARG A 258 -9.10 -8.61 -6.81
N ALA A 259 -10.05 -7.70 -7.02
CA ALA A 259 -11.44 -7.89 -6.61
C ALA A 259 -12.37 -7.93 -7.82
N SER A 260 -13.37 -8.82 -7.77
CA SER A 260 -14.34 -8.94 -8.86
C SER A 260 -15.54 -8.01 -8.67
N PHE A 261 -15.49 -7.22 -7.59
CA PHE A 261 -16.64 -6.45 -7.15
C PHE A 261 -16.19 -5.07 -6.67
N ASP B 5 26.60 15.24 5.77
CA ASP B 5 25.52 15.40 6.80
C ASP B 5 25.21 16.88 7.04
N TRP B 6 23.92 17.21 6.95
CA TRP B 6 23.43 18.57 7.21
C TRP B 6 22.06 18.50 7.86
N GLY B 7 21.74 19.53 8.65
CA GLY B 7 20.44 19.64 9.30
C GLY B 7 20.05 21.09 9.52
N TYR B 8 19.24 21.32 10.55
CA TYR B 8 18.81 22.66 10.93
C TYR B 8 19.20 22.98 12.38
N ASP B 9 19.86 22.03 13.04
CA ASP B 9 20.31 22.18 14.44
C ASP B 9 21.55 23.07 14.58
N ASP B 10 22.04 23.22 15.81
CA ASP B 10 23.18 24.09 16.11
C ASP B 10 24.50 23.61 15.48
N LYS B 11 24.66 22.29 15.37
CA LYS B 11 25.90 21.70 14.87
C LYS B 11 25.96 21.54 13.36
N ASN B 12 24.81 21.33 12.72
CA ASN B 12 24.75 21.03 11.28
C ASN B 12 23.87 22.00 10.47
N GLY B 13 23.44 23.09 11.10
CA GLY B 13 22.46 24.02 10.53
C GLY B 13 22.97 24.98 9.47
N PRO B 14 22.08 25.88 8.99
CA PRO B 14 22.33 26.83 7.90
C PRO B 14 23.65 27.59 7.99
N GLU B 15 24.05 28.02 9.19
CA GLU B 15 25.33 28.71 9.38
C GLU B 15 26.57 27.83 9.12
N GLN B 16 26.37 26.51 9.13
CA GLN B 16 27.46 25.54 8.93
C GLN B 16 27.56 25.00 7.50
N TRP B 17 26.48 25.13 6.72
CA TRP B 17 26.38 24.48 5.40
C TRP B 17 27.52 24.77 4.41
N SER B 18 28.05 25.98 4.43
CA SER B 18 29.11 26.37 3.49
C SER B 18 30.36 25.50 3.55
N LYS B 19 30.61 24.89 4.71
CA LYS B 19 31.74 23.97 4.89
C LYS B 19 31.70 22.82 3.88
N LEU B 20 30.55 22.15 3.80
CA LEU B 20 30.36 21.07 2.83
C LEU B 20 29.81 21.57 1.50
N TYR B 21 29.15 22.73 1.52
CA TYR B 21 28.54 23.28 0.31
C TYR B 21 28.93 24.75 0.13
N PRO B 22 30.12 25.02 -0.45
CA PRO B 22 30.65 26.37 -0.63
C PRO B 22 29.68 27.33 -1.33
N ILE B 23 28.81 26.79 -2.18
CA ILE B 23 27.80 27.58 -2.88
C ILE B 23 26.84 28.33 -1.94
N ALA B 24 26.78 27.89 -0.68
CA ALA B 24 25.94 28.53 0.35
C ALA B 24 26.23 30.03 0.52
N ASN B 25 27.46 30.43 0.17
CA ASN B 25 27.89 31.82 0.19
C ASN B 25 27.89 32.43 -1.21
N GLY B 26 27.12 31.86 -2.13
CA GLY B 26 27.07 32.31 -3.52
C GLY B 26 26.31 33.61 -3.74
N ASN B 27 26.14 33.98 -5.00
CA ASN B 27 25.50 35.25 -5.35
C ASN B 27 24.01 35.14 -5.73
N ASN B 28 23.50 33.91 -5.75
CA ASN B 28 22.11 33.65 -6.14
C ASN B 28 21.41 32.73 -5.14
N GLN B 29 21.60 32.99 -3.85
CA GLN B 29 21.05 32.12 -2.80
C GLN B 29 19.64 32.51 -2.36
N SER B 30 18.88 31.52 -1.90
CA SER B 30 17.49 31.69 -1.45
C SER B 30 17.35 31.09 -0.05
N PRO B 31 16.36 31.53 0.73
CA PRO B 31 15.36 32.55 0.36
C PRO B 31 15.90 33.97 0.51
N VAL B 32 15.07 34.95 0.14
CA VAL B 32 15.42 36.38 0.28
C VAL B 32 14.29 37.14 0.95
N ASP B 33 14.59 38.32 1.49
CA ASP B 33 13.53 39.23 1.90
C ASP B 33 13.12 40.03 0.67
N ILE B 34 11.81 40.08 0.40
CA ILE B 34 11.31 40.90 -0.68
C ILE B 34 10.94 42.26 -0.11
N LYS B 35 11.71 43.28 -0.50
CA LYS B 35 11.44 44.66 -0.11
C LYS B 35 10.58 45.30 -1.20
N THR B 36 9.30 45.50 -0.89
CA THR B 36 8.32 45.93 -1.90
C THR B 36 8.59 47.31 -2.52
N SER B 37 9.30 48.16 -1.78
CA SER B 37 9.69 49.47 -2.31
C SER B 37 10.81 49.37 -3.34
N GLU B 38 11.52 48.24 -3.36
CA GLU B 38 12.64 48.03 -4.29
C GLU B 38 12.30 47.10 -5.47
N THR B 39 11.07 46.57 -5.51
CA THR B 39 10.67 45.71 -6.63
C THR B 39 10.42 46.50 -7.90
N LYS B 40 10.69 45.87 -9.05
CA LYS B 40 10.47 46.49 -10.36
C LYS B 40 9.38 45.77 -11.13
N HIS B 41 8.39 46.53 -11.63
CA HIS B 41 7.38 45.95 -12.49
C HIS B 41 7.91 45.68 -13.91
N ASP B 42 7.77 44.44 -14.35
CA ASP B 42 8.25 44.01 -15.65
C ASP B 42 7.05 43.67 -16.51
N THR B 43 6.85 44.45 -17.58
CA THR B 43 5.69 44.28 -18.47
C THR B 43 5.74 42.97 -19.28
N SER B 44 6.89 42.32 -19.34
CA SER B 44 7.02 41.08 -20.11
C SER B 44 6.57 39.84 -19.32
N LEU B 45 6.28 40.02 -18.04
CA LEU B 45 5.79 38.91 -17.20
C LEU B 45 4.34 38.59 -17.48
N LYS B 46 4.09 37.42 -18.05
CA LYS B 46 2.73 36.94 -18.31
C LYS B 46 2.10 36.42 -17.01
N PRO B 47 0.76 36.26 -16.98
CA PRO B 47 0.22 35.58 -15.81
C PRO B 47 0.73 34.13 -15.73
N ILE B 48 0.79 33.59 -14.51
CA ILE B 48 1.16 32.19 -14.38
CA ILE B 48 1.15 32.19 -14.25
C ILE B 48 -0.05 31.30 -14.58
N SER B 49 0.15 30.23 -15.35
CA SER B 49 -0.91 29.24 -15.56
C SER B 49 -0.42 27.88 -15.06
N VAL B 50 -1.16 27.31 -14.12
CA VAL B 50 -0.87 25.95 -13.69
C VAL B 50 -1.99 25.03 -14.13
N SER B 51 -1.61 23.90 -14.72
CA SER B 51 -2.56 22.89 -15.12
C SER B 51 -2.03 21.55 -14.65
N TYR B 52 -2.48 21.14 -13.48
CA TYR B 52 -2.03 19.88 -12.90
C TYR B 52 -3.10 18.81 -13.03
N ASN B 53 -2.66 17.61 -13.38
CA ASN B 53 -3.55 16.45 -13.48
C ASN B 53 -3.48 15.67 -12.17
N PRO B 54 -4.60 15.58 -11.43
CA PRO B 54 -4.58 14.94 -10.10
C PRO B 54 -4.21 13.44 -10.11
N ALA B 55 -4.22 12.82 -11.29
CA ALA B 55 -3.79 11.41 -11.47
C ALA B 55 -2.26 11.25 -11.43
N THR B 56 -1.52 12.36 -11.46
CA THR B 56 -0.05 12.32 -11.36
C THR B 56 0.45 12.26 -9.91
N ALA B 57 -0.40 12.54 -8.94
CA ALA B 57 -0.06 12.36 -7.53
C ALA B 57 0.37 10.92 -7.28
N LYS B 58 1.48 10.72 -6.59
CA LYS B 58 2.03 9.37 -6.48
C LYS B 58 2.28 8.90 -5.06
N GLU B 59 3.07 9.67 -4.32
CA GLU B 59 3.67 9.15 -3.10
C GLU B 59 3.97 10.28 -2.13
N ILE B 60 3.81 9.99 -0.83
CA ILE B 60 4.24 10.90 0.23
C ILE B 60 5.39 10.25 1.02
N ILE B 61 6.45 11.01 1.29
CA ILE B 61 7.68 10.44 1.89
C ILE B 61 8.24 11.34 3.00
N ASN B 62 8.63 10.72 4.12
CA ASN B 62 9.37 11.39 5.17
C ASN B 62 10.87 11.38 4.81
N VAL B 63 11.42 12.57 4.57
CA VAL B 63 12.82 12.73 4.14
C VAL B 63 13.77 13.15 5.28
N GLY B 64 13.31 13.03 6.53
CA GLY B 64 14.17 13.28 7.67
C GLY B 64 14.07 14.69 8.19
N HIS B 65 14.33 15.66 7.33
CA HIS B 65 14.23 17.08 7.70
C HIS B 65 12.88 17.67 7.29
N SER B 66 12.13 16.93 6.48
CA SER B 66 10.85 17.39 5.97
C SER B 66 10.03 16.20 5.45
N PHE B 67 8.93 16.49 4.76
CA PHE B 67 8.23 15.46 3.99
C PHE B 67 7.90 16.03 2.62
N HIS B 68 7.88 15.16 1.61
CA HIS B 68 7.56 15.56 0.24
C HIS B 68 6.37 14.78 -0.28
N VAL B 69 5.53 15.43 -1.07
CA VAL B 69 4.50 14.75 -1.83
C VAL B 69 4.99 14.74 -3.28
N ASN B 70 5.30 13.54 -3.79
CA ASN B 70 5.84 13.36 -5.13
C ASN B 70 4.79 13.04 -6.20
N PHE B 71 5.06 13.52 -7.41
CA PHE B 71 4.20 13.31 -8.57
C PHE B 71 4.94 12.54 -9.66
N GLU B 72 4.22 11.73 -10.43
CA GLU B 72 4.80 11.05 -11.58
C GLU B 72 5.27 12.12 -12.54
N ASP B 73 6.51 12.05 -13.00
CA ASP B 73 7.02 13.09 -13.91
C ASP B 73 7.54 12.57 -15.25
N ASN B 74 6.93 11.48 -15.72
CA ASN B 74 7.30 10.87 -17.00
C ASN B 74 6.85 11.64 -18.24
N ASP B 75 5.79 12.44 -18.08
CA ASP B 75 5.29 13.27 -19.19
C ASP B 75 4.85 14.64 -18.70
N ASN B 76 4.25 15.43 -19.58
CA ASN B 76 3.84 16.80 -19.24
C ASN B 76 2.35 16.94 -18.97
N ARG B 77 1.78 15.98 -18.24
CA ARG B 77 0.39 16.09 -17.78
C ARG B 77 0.18 17.22 -16.77
N SER B 78 1.20 17.49 -15.96
CA SER B 78 1.10 18.49 -14.90
C SER B 78 2.19 19.52 -15.12
N VAL B 79 1.80 20.71 -15.55
CA VAL B 79 2.77 21.73 -15.98
C VAL B 79 2.50 23.13 -15.42
N LEU B 80 3.59 23.90 -15.31
CA LEU B 80 3.58 25.32 -15.02
C LEU B 80 4.04 26.07 -16.28
N LYS B 81 3.29 27.09 -16.67
CA LYS B 81 3.63 27.93 -17.83
C LYS B 81 3.42 29.40 -17.49
N GLY B 82 3.92 30.27 -18.35
CA GLY B 82 3.63 31.71 -18.21
C GLY B 82 4.65 32.37 -17.31
N GLY B 83 4.25 33.47 -16.67
CA GLY B 83 5.20 34.23 -15.84
C GLY B 83 6.44 34.58 -16.64
N PRO B 84 7.63 34.31 -16.06
CA PRO B 84 8.88 34.65 -16.74
C PRO B 84 9.35 33.59 -17.75
N PHE B 85 8.57 32.54 -17.95
CA PHE B 85 9.03 31.36 -18.72
C PHE B 85 8.55 31.35 -20.16
N SER B 86 9.44 30.95 -21.07
CA SER B 86 9.05 30.64 -22.45
C SER B 86 8.78 29.14 -22.61
N ASP B 87 9.40 28.33 -21.75
CA ASP B 87 9.20 26.89 -21.74
C ASP B 87 8.21 26.49 -20.65
N SER B 88 7.55 25.35 -20.81
CA SER B 88 6.74 24.81 -19.71
C SER B 88 7.62 23.99 -18.76
N TYR B 89 7.23 23.98 -17.48
CA TYR B 89 7.95 23.22 -16.44
C TYR B 89 7.04 22.14 -15.86
N ARG B 90 7.63 20.97 -15.59
CA ARG B 90 6.87 19.81 -15.16
C ARG B 90 6.84 19.70 -13.63
N LEU B 91 5.64 19.62 -13.05
CA LEU B 91 5.46 19.40 -11.62
C LEU B 91 6.14 18.10 -11.18
N PHE B 92 6.88 18.15 -10.07
CA PHE B 92 7.45 16.90 -9.52
C PHE B 92 7.22 16.67 -8.03
N GLN B 93 7.06 17.74 -7.27
CA GLN B 93 6.90 17.64 -5.83
CA GLN B 93 6.76 17.62 -5.84
C GLN B 93 6.30 18.93 -5.23
N PHE B 94 5.66 18.79 -4.07
CA PHE B 94 5.41 19.94 -3.18
C PHE B 94 5.75 19.53 -1.75
N HIS B 95 6.07 20.54 -0.94
CA HIS B 95 6.45 20.34 0.45
C HIS B 95 6.26 21.66 1.19
N PHE B 96 6.52 21.64 2.49
CA PHE B 96 6.36 22.82 3.32
C PHE B 96 7.64 23.09 4.12
N HIS B 97 7.76 24.32 4.59
CA HIS B 97 8.70 24.67 5.64
C HIS B 97 7.93 25.30 6.79
N TRP B 98 8.41 25.08 8.01
CA TRP B 98 7.81 25.65 9.21
C TRP B 98 8.90 25.98 10.24
N GLY B 99 8.49 26.63 11.33
CA GLY B 99 9.42 27.06 12.39
C GLY B 99 9.05 26.48 13.74
N SER B 100 9.87 26.72 14.75
CA SER B 100 9.66 26.13 16.09
C SER B 100 8.45 26.74 16.82
N THR B 101 8.05 27.93 16.41
CA THR B 101 6.82 28.57 16.89
C THR B 101 6.02 29.14 15.71
N ASN B 102 4.81 29.62 15.98
CA ASN B 102 4.01 30.29 14.95
C ASN B 102 4.58 31.61 14.43
N GLU B 103 5.52 32.20 15.18
CA GLU B 103 6.05 33.54 14.89
C GLU B 103 7.00 33.62 13.70
N HIS B 104 7.70 32.54 13.42
CA HIS B 104 8.68 32.57 12.35
C HIS B 104 8.89 31.17 11.80
N GLY B 105 8.29 30.92 10.64
CA GLY B 105 8.40 29.62 10.00
C GLY B 105 8.56 29.65 8.49
N SER B 106 8.27 30.78 7.87
CA SER B 106 8.45 30.88 6.41
C SER B 106 9.92 31.03 6.08
N GLU B 107 10.24 30.86 4.81
CA GLU B 107 11.59 31.06 4.33
C GLU B 107 11.72 32.45 3.75
N HIS B 108 10.91 32.77 2.75
CA HIS B 108 10.87 34.13 2.26
C HIS B 108 10.17 35.04 3.27
N THR B 109 10.57 36.31 3.28
CA THR B 109 9.90 37.31 4.09
C THR B 109 9.53 38.46 3.16
N VAL B 110 8.52 39.23 3.55
CA VAL B 110 8.10 40.40 2.75
C VAL B 110 8.23 41.64 3.64
N ASP B 111 9.07 42.59 3.23
CA ASP B 111 9.39 43.77 4.05
C ASP B 111 9.73 43.40 5.50
N GLY B 112 10.57 42.38 5.66
CA GLY B 112 10.98 41.93 6.99
C GLY B 112 10.00 41.07 7.77
N VAL B 113 8.77 40.94 7.28
CA VAL B 113 7.73 40.19 8.00
C VAL B 113 7.82 38.68 7.71
N LYS B 114 8.02 37.91 8.77
CA LYS B 114 8.10 36.45 8.71
C LYS B 114 6.70 35.87 8.90
N TYR B 115 6.36 34.88 8.08
CA TYR B 115 5.08 34.18 8.20
C TYR B 115 5.25 32.86 8.97
N SER B 116 4.13 32.16 9.21
CA SER B 116 4.17 30.94 10.04
C SER B 116 4.75 29.71 9.34
N ALA B 117 4.60 29.66 8.02
CA ALA B 117 5.03 28.51 7.23
C ALA B 117 5.06 28.94 5.77
N GLU B 118 5.57 28.06 4.91
CA GLU B 118 5.64 28.32 3.47
C GLU B 118 5.40 27.04 2.69
N LEU B 119 4.59 27.13 1.63
CA LEU B 119 4.40 26.02 0.71
C LEU B 119 5.32 26.22 -0.48
N HIS B 120 6.02 25.16 -0.87
CA HIS B 120 6.83 25.13 -2.10
C HIS B 120 6.30 24.10 -3.09
N VAL B 121 5.98 24.54 -4.30
CA VAL B 121 5.55 23.65 -5.38
C VAL B 121 6.65 23.66 -6.45
N ALA B 122 7.34 22.53 -6.60
CA ALA B 122 8.56 22.44 -7.45
C ALA B 122 8.32 21.80 -8.84
N HIS B 123 9.02 22.34 -9.85
CA HIS B 123 8.84 21.94 -11.25
C HIS B 123 10.21 21.89 -11.91
N TRP B 124 10.36 21.08 -12.95
CA TRP B 124 11.63 21.07 -13.72
C TRP B 124 11.46 21.33 -15.22
N ASN B 125 12.51 21.88 -15.84
CA ASN B 125 12.45 22.29 -17.24
C ASN B 125 12.51 21.11 -18.23
N SER B 126 11.34 20.58 -18.59
CA SER B 126 11.27 19.41 -19.50
C SER B 126 11.25 19.78 -20.98
N ALA B 127 11.22 21.07 -21.30
CA ALA B 127 11.31 21.51 -22.70
C ALA B 127 12.77 21.54 -23.14
N LYS B 128 13.64 21.86 -22.20
CA LYS B 128 15.07 22.04 -22.48
C LYS B 128 15.87 20.82 -22.05
N TYR B 129 15.43 20.18 -20.98
CA TYR B 129 16.14 19.01 -20.47
C TYR B 129 15.26 17.76 -20.52
N SER B 130 15.88 16.60 -20.30
CA SER B 130 15.22 15.33 -20.46
C SER B 130 14.92 14.62 -19.13
N SER B 131 15.62 15.04 -18.06
CA SER B 131 15.34 14.50 -16.73
C SER B 131 15.50 15.53 -15.62
N LEU B 132 14.85 15.27 -14.47
CA LEU B 132 15.03 16.09 -13.27
C LEU B 132 16.50 16.14 -12.87
N ALA B 133 17.15 14.98 -12.87
CA ALA B 133 18.56 14.87 -12.50
C ALA B 133 19.44 15.80 -13.36
N GLU B 134 19.18 15.82 -14.68
CA GLU B 134 19.88 16.72 -15.60
C GLU B 134 19.53 18.20 -15.37
N ALA B 135 18.26 18.49 -15.17
CA ALA B 135 17.77 19.87 -14.99
C ALA B 135 18.21 20.50 -13.67
N ALA B 136 18.39 19.67 -12.65
CA ALA B 136 18.57 20.09 -11.25
C ALA B 136 19.70 21.09 -10.98
N SER B 137 20.77 21.04 -11.77
CA SER B 137 21.93 21.89 -11.53
C SER B 137 22.09 23.04 -12.54
N LYS B 138 21.13 23.15 -13.46
CA LYS B 138 21.16 24.15 -14.52
C LYS B 138 20.46 25.43 -14.07
N ALA B 139 20.99 26.59 -14.49
CA ALA B 139 20.45 27.89 -14.05
C ALA B 139 18.95 28.05 -14.35
N ASP B 140 18.52 27.54 -15.50
CA ASP B 140 17.12 27.56 -15.90
C ASP B 140 16.43 26.20 -15.68
N GLY B 141 16.95 25.41 -14.74
CA GLY B 141 16.50 24.03 -14.55
C GLY B 141 15.20 23.85 -13.78
N LEU B 142 15.02 24.64 -12.72
CA LEU B 142 13.89 24.47 -11.82
C LEU B 142 13.03 25.73 -11.68
N ALA B 143 11.76 25.53 -11.35
CA ALA B 143 10.86 26.63 -11.03
C ALA B 143 10.08 26.22 -9.79
N VAL B 144 10.10 27.06 -8.77
CA VAL B 144 9.38 26.77 -7.54
C VAL B 144 8.43 27.92 -7.19
N ILE B 145 7.16 27.59 -6.98
CA ILE B 145 6.15 28.54 -6.48
C ILE B 145 6.18 28.51 -4.96
N GLY B 146 6.34 29.69 -4.36
CA GLY B 146 6.27 29.83 -2.91
C GLY B 146 5.00 30.56 -2.51
N VAL B 147 4.34 30.04 -1.47
CA VAL B 147 3.13 30.62 -0.92
C VAL B 147 3.31 30.75 0.58
N LEU B 148 3.22 31.97 1.06
CA LEU B 148 3.36 32.26 2.49
C LEU B 148 2.11 31.81 3.22
N MET B 149 2.29 31.23 4.40
CA MET B 149 1.17 30.72 5.17
C MET B 149 1.07 31.48 6.49
N LYS B 150 -0.11 32.06 6.72
CA LYS B 150 -0.34 32.95 7.84
C LYS B 150 -1.22 32.24 8.87
N VAL B 151 -0.74 32.14 10.11
CA VAL B 151 -1.50 31.46 11.18
C VAL B 151 -2.85 32.14 11.41
N GLY B 152 -3.90 31.33 11.50
CA GLY B 152 -5.26 31.84 11.69
C GLY B 152 -6.25 30.69 11.68
N GLU B 153 -7.26 30.78 10.82
CA GLU B 153 -8.25 29.72 10.63
C GLU B 153 -7.64 28.45 10.05
N ALA B 154 -8.18 27.29 10.43
CA ALA B 154 -7.78 26.02 9.84
C ALA B 154 -7.98 26.04 8.33
N ASN B 155 -7.03 25.47 7.59
CA ASN B 155 -7.12 25.42 6.15
C ASN B 155 -7.60 24.04 5.71
N PRO B 156 -8.89 23.93 5.29
CA PRO B 156 -9.43 22.62 4.92
C PRO B 156 -8.71 21.94 3.76
N LYS B 157 -8.14 22.72 2.84
CA LYS B 157 -7.43 22.18 1.68
C LYS B 157 -6.20 21.35 2.06
N LEU B 158 -5.64 21.65 3.23
CA LEU B 158 -4.48 20.95 3.78
C LEU B 158 -4.78 19.59 4.40
N GLN B 159 -6.07 19.29 4.60
CA GLN B 159 -6.48 18.12 5.38
CA GLN B 159 -6.50 18.12 5.38
C GLN B 159 -6.08 16.76 4.81
N LYS B 160 -6.14 16.59 3.49
CA LYS B 160 -5.70 15.31 2.92
C LYS B 160 -4.20 15.10 3.16
N VAL B 161 -3.41 16.16 3.03
CA VAL B 161 -1.98 16.09 3.31
C VAL B 161 -1.72 15.75 4.78
N LEU B 162 -2.42 16.43 5.69
CA LEU B 162 -2.21 16.22 7.12
CA LEU B 162 -2.23 16.24 7.13
C LEU B 162 -2.66 14.84 7.59
N ASP B 163 -3.74 14.32 7.00
CA ASP B 163 -4.26 12.98 7.30
C ASP B 163 -3.31 11.87 6.87
N ALA B 164 -2.46 12.16 5.88
CA ALA B 164 -1.52 11.16 5.36
C ALA B 164 -0.29 11.00 6.23
N LEU B 165 -0.03 11.97 7.11
CA LEU B 165 1.21 12.01 7.89
C LEU B 165 1.38 10.87 8.90
N GLN B 166 0.26 10.31 9.37
CA GLN B 166 0.31 9.20 10.33
C GLN B 166 0.98 7.95 9.75
N ALA B 167 0.98 7.82 8.43
CA ALA B 167 1.55 6.66 7.76
C ALA B 167 3.04 6.84 7.42
N ILE B 168 3.57 8.06 7.63
CA ILE B 168 4.98 8.32 7.32
C ILE B 168 5.69 9.01 8.48
N LYS B 169 5.47 8.52 9.69
CA LYS B 169 5.90 9.24 10.88
C LYS B 169 7.42 9.37 11.05
N THR B 170 8.17 8.37 10.58
CA THR B 170 9.63 8.35 10.77
C THR B 170 10.41 8.40 9.45
N LYS B 171 11.68 8.79 9.53
CA LYS B 171 12.54 8.96 8.34
C LYS B 171 12.56 7.74 7.43
N GLY B 172 12.33 7.98 6.14
CA GLY B 172 12.39 6.91 5.15
C GLY B 172 11.05 6.30 4.81
N LYS B 173 10.06 6.46 5.68
CA LYS B 173 8.73 5.91 5.43
C LYS B 173 8.06 6.61 4.26
N ARG B 174 7.29 5.85 3.48
CA ARG B 174 6.59 6.36 2.32
C ARG B 174 5.24 5.63 2.19
N ALA B 175 4.30 6.28 1.52
CA ALA B 175 2.97 5.70 1.31
C ALA B 175 2.37 6.26 0.03
N PRO B 176 1.47 5.50 -0.62
CA PRO B 176 0.78 6.05 -1.78
C PRO B 176 0.00 7.30 -1.39
N PHE B 177 0.02 8.29 -2.27
CA PHE B 177 -0.74 9.52 -2.09
C PHE B 177 -1.22 9.87 -3.49
N THR B 178 -2.51 9.64 -3.75
CA THR B 178 -3.03 9.70 -5.11
C THR B 178 -4.23 10.63 -5.22
N ASN B 179 -4.57 10.97 -6.46
CA ASN B 179 -5.73 11.79 -6.80
C ASN B 179 -5.74 13.11 -6.02
N PHE B 180 -4.75 13.94 -6.30
CA PHE B 180 -4.62 15.24 -5.64
C PHE B 180 -4.00 16.26 -6.59
N ASP B 181 -4.69 17.40 -6.70
CA ASP B 181 -4.27 18.53 -7.51
C ASP B 181 -3.75 19.59 -6.54
N PRO B 182 -2.43 19.84 -6.52
CA PRO B 182 -1.89 20.80 -5.54
C PRO B 182 -2.19 22.28 -5.86
N SER B 183 -2.68 22.58 -7.06
CA SER B 183 -3.14 23.95 -7.38
C SER B 183 -4.32 24.37 -6.49
N THR B 184 -4.98 23.40 -5.86
CA THR B 184 -6.05 23.69 -4.89
C THR B 184 -5.51 24.35 -3.61
N LEU B 185 -4.19 24.28 -3.42
CA LEU B 185 -3.54 24.91 -2.25
C LEU B 185 -3.14 26.36 -2.49
N LEU B 186 -3.21 26.79 -3.75
CA LEU B 186 -2.78 28.14 -4.14
C LEU B 186 -3.81 29.19 -3.76
N PRO B 187 -3.36 30.44 -3.48
CA PRO B 187 -4.35 31.52 -3.25
C PRO B 187 -5.14 31.80 -4.53
N SER B 188 -6.30 32.44 -4.41
CA SER B 188 -7.17 32.61 -5.58
C SER B 188 -6.59 33.58 -6.63
N SER B 189 -5.87 34.59 -6.18
CA SER B 189 -5.12 35.48 -7.05
C SER B 189 -3.67 35.00 -7.16
N LEU B 190 -3.15 35.01 -8.38
CA LEU B 190 -1.79 34.56 -8.64
C LEU B 190 -0.81 35.68 -9.02
N ASP B 191 -1.04 36.90 -8.52
CA ASP B 191 -0.05 37.99 -8.63
C ASP B 191 1.21 37.51 -7.94
N PHE B 192 2.38 37.84 -8.48
CA PHE B 192 3.62 37.26 -7.98
C PHE B 192 4.84 38.16 -8.11
N TRP B 193 5.84 37.87 -7.30
CA TRP B 193 7.21 38.36 -7.49
C TRP B 193 8.04 37.22 -8.06
N THR B 194 9.06 37.56 -8.84
CA THR B 194 10.00 36.56 -9.30
C THR B 194 11.45 37.04 -9.20
N TYR B 195 12.37 36.12 -8.91
CA TYR B 195 13.80 36.42 -8.86
C TYR B 195 14.61 35.15 -9.12
N PRO B 196 15.87 35.26 -9.59
CA PRO B 196 16.69 34.08 -9.77
C PRO B 196 17.36 33.66 -8.47
N GLY B 197 17.22 32.39 -8.10
CA GLY B 197 17.75 31.92 -6.84
C GLY B 197 18.21 30.49 -6.82
N SER B 198 18.06 29.87 -5.65
CA SER B 198 18.65 28.56 -5.38
C SER B 198 17.68 27.63 -4.65
N LEU B 199 18.08 26.36 -4.53
CA LEU B 199 17.46 25.46 -3.56
C LEU B 199 17.75 26.05 -2.19
N THR B 200 16.79 25.95 -1.27
CA THR B 200 16.95 26.56 0.06
C THR B 200 17.59 25.65 1.10
N HIS B 201 17.93 24.43 0.70
CA HIS B 201 18.79 23.57 1.51
C HIS B 201 19.76 22.80 0.60
N PRO B 202 20.78 22.13 1.18
CA PRO B 202 21.75 21.37 0.39
C PRO B 202 21.05 20.43 -0.60
N PRO B 203 21.52 20.35 -1.85
CA PRO B 203 22.83 20.88 -2.29
C PRO B 203 22.87 22.34 -2.73
N LEU B 204 21.82 23.12 -2.46
CA LEU B 204 21.84 24.58 -2.64
C LEU B 204 22.17 25.08 -4.05
N TYR B 205 21.92 24.24 -5.06
CA TYR B 205 22.15 24.59 -6.45
C TYR B 205 21.44 25.88 -6.83
N GLU B 206 22.13 26.74 -7.57
CA GLU B 206 21.55 28.02 -7.99
C GLU B 206 20.79 27.84 -9.31
N SER B 207 19.72 27.06 -9.25
CA SER B 207 19.03 26.57 -10.43
C SER B 207 17.54 26.91 -10.45
N VAL B 208 17.11 27.73 -9.50
CA VAL B 208 15.69 27.96 -9.26
C VAL B 208 15.20 29.35 -9.66
N THR B 209 14.22 29.39 -10.55
CA THR B 209 13.46 30.62 -10.78
C THR B 209 12.31 30.61 -9.78
N TRP B 210 12.38 31.52 -8.80
CA TRP B 210 11.34 31.64 -7.78
C TRP B 210 10.13 32.43 -8.23
N ILE B 211 8.94 31.88 -7.96
CA ILE B 211 7.67 32.55 -8.14
C ILE B 211 7.04 32.66 -6.74
N ILE B 212 7.05 33.86 -6.16
CA ILE B 212 6.49 34.07 -4.81
C ILE B 212 5.13 34.74 -4.92
N CYS B 213 4.07 34.08 -4.43
CA CYS B 213 2.74 34.67 -4.50
C CYS B 213 2.62 35.89 -3.59
N LYS B 214 1.96 36.93 -4.11
CA LYS B 214 1.65 38.13 -3.35
C LYS B 214 0.66 37.80 -2.22
N GLU B 215 -0.32 36.95 -2.50
CA GLU B 215 -1.32 36.57 -1.50
C GLU B 215 -0.90 35.36 -0.66
N SER B 216 -1.18 35.42 0.63
CA SER B 216 -0.92 34.30 1.55
C SER B 216 -2.12 33.35 1.66
N ILE B 217 -1.90 32.16 2.23
CA ILE B 217 -3.00 31.24 2.58
C ILE B 217 -2.98 31.00 4.08
N SER B 218 -4.07 30.46 4.62
CA SER B 218 -4.17 30.24 6.06
CA SER B 218 -4.17 30.24 6.06
C SER B 218 -3.66 28.86 6.51
N VAL B 219 -3.44 28.74 7.81
CA VAL B 219 -3.07 27.49 8.49
C VAL B 219 -3.39 27.74 9.97
N SER B 220 -3.91 26.73 10.67
CA SER B 220 -4.17 26.90 12.10
C SER B 220 -2.96 26.48 12.94
N SER B 221 -2.97 26.90 14.20
CA SER B 221 -1.90 26.54 15.14
CA SER B 221 -1.91 26.55 15.15
C SER B 221 -1.79 25.02 15.32
N GLU B 222 -2.93 24.32 15.27
CA GLU B 222 -2.95 22.84 15.43
C GLU B 222 -2.45 22.13 14.16
N GLN B 223 -2.73 22.71 13.00
CA GLN B 223 -2.21 22.16 11.75
C GLN B 223 -0.69 22.26 11.70
N LEU B 224 -0.14 23.36 12.23
CA LEU B 224 1.32 23.51 12.32
C LEU B 224 1.92 22.50 13.30
N ALA B 225 1.20 22.24 14.40
CA ALA B 225 1.65 21.23 15.35
C ALA B 225 1.76 19.85 14.72
N GLN B 226 0.87 19.55 13.78
CA GLN B 226 0.93 18.28 13.05
C GLN B 226 2.22 18.15 12.24
N PHE B 227 2.60 19.23 11.55
CA PHE B 227 3.91 19.27 10.87
C PHE B 227 5.02 18.93 11.86
N ARG B 228 5.00 19.60 13.01
CA ARG B 228 6.09 19.49 13.99
C ARG B 228 6.13 18.14 14.71
N SER B 229 5.04 17.36 14.60
CA SER B 229 4.98 16.05 15.22
C SER B 229 5.59 14.96 14.34
N LEU B 230 5.96 15.31 13.11
CA LEU B 230 6.71 14.39 12.26
C LEU B 230 8.08 14.13 12.86
N LEU B 231 8.55 12.90 12.71
CA LEU B 231 9.81 12.49 13.34
C LEU B 231 10.96 12.43 12.33
N SER B 232 12.11 12.97 12.73
CA SER B 232 13.32 12.96 11.89
C SER B 232 14.13 11.67 12.01
N ASN B 233 13.85 10.87 13.05
CA ASN B 233 14.59 9.63 13.33
C ASN B 233 14.03 8.45 12.55
N VAL B 234 14.83 7.39 12.43
CA VAL B 234 14.34 6.16 11.84
C VAL B 234 13.52 5.37 12.87
N GLU B 235 12.58 4.56 12.39
CA GLU B 235 11.71 3.73 13.23
C GLU B 235 12.51 2.92 14.23
N GLY B 236 12.12 3.00 15.50
CA GLY B 236 12.81 2.25 16.56
C GLY B 236 13.69 3.12 17.43
N ASP B 237 14.32 4.14 16.85
CA ASP B 237 15.11 5.08 17.64
C ASP B 237 14.22 5.99 18.47
N ASN B 238 14.82 6.67 19.45
CA ASN B 238 14.07 7.60 20.29
C ASN B 238 13.53 8.74 19.43
N ALA B 239 12.23 9.02 19.60
CA ALA B 239 11.53 10.01 18.77
C ALA B 239 12.14 11.40 18.83
N VAL B 240 12.40 11.99 17.66
CA VAL B 240 12.91 13.36 17.56
C VAL B 240 12.03 14.17 16.59
N PRO B 241 11.15 15.03 17.13
CA PRO B 241 10.23 15.83 16.33
C PRO B 241 10.94 16.80 15.38
N MET B 242 10.39 16.96 14.18
CA MET B 242 10.88 17.96 13.22
C MET B 242 10.36 19.33 13.61
N GLN B 243 11.09 20.03 14.48
CA GLN B 243 10.59 21.28 15.03
C GLN B 243 10.67 22.48 14.10
N HIS B 244 11.64 22.48 13.18
CA HIS B 244 11.80 23.58 12.23
C HIS B 244 12.66 23.16 11.05
N ASN B 245 12.47 23.84 9.93
CA ASN B 245 13.26 23.56 8.72
C ASN B 245 13.33 24.74 7.74
N ASN B 246 13.31 25.96 8.27
CA ASN B 246 13.42 27.14 7.43
C ASN B 246 14.80 27.77 7.47
N ARG B 247 15.37 28.03 6.29
CA ARG B 247 16.65 28.73 6.17
C ARG B 247 16.46 30.25 6.31
N PRO B 248 17.38 30.94 7.02
CA PRO B 248 17.35 32.41 7.08
C PRO B 248 17.47 33.04 5.68
N THR B 249 16.94 34.24 5.52
CA THR B 249 17.05 34.96 4.24
C THR B 249 18.49 35.32 3.94
N GLN B 250 18.82 35.30 2.65
CA GLN B 250 20.18 35.49 2.15
C GLN B 250 20.28 36.81 1.36
N PRO B 251 21.50 37.39 1.28
CA PRO B 251 21.66 38.68 0.60
C PRO B 251 21.33 38.65 -0.89
N LEU B 252 20.63 39.68 -1.36
CA LEU B 252 20.27 39.80 -2.78
C LEU B 252 21.50 39.91 -3.68
N LYS B 253 22.56 40.53 -3.17
CA LYS B 253 23.81 40.70 -3.91
C LYS B 253 23.60 41.23 -5.32
N GLY B 254 22.79 42.28 -5.42
CA GLY B 254 22.57 42.96 -6.69
C GLY B 254 21.42 42.45 -7.53
N ARG B 255 20.81 41.33 -7.10
CA ARG B 255 19.65 40.77 -7.82
C ARG B 255 18.45 41.70 -7.74
N THR B 256 17.60 41.64 -8.76
CA THR B 256 16.38 42.40 -8.81
C THR B 256 15.19 41.46 -8.58
N VAL B 257 14.30 41.83 -7.66
CA VAL B 257 13.02 41.13 -7.53
C VAL B 257 12.00 41.81 -8.43
N ARG B 258 11.47 41.09 -9.41
CA ARG B 258 10.49 41.64 -10.34
C ARG B 258 9.07 41.39 -9.86
N ALA B 259 8.17 42.32 -10.17
CA ALA B 259 6.76 42.19 -9.79
C ALA B 259 5.88 42.02 -11.03
N SER B 260 4.91 41.11 -10.95
CA SER B 260 3.96 40.92 -12.04
C SER B 260 2.86 41.98 -11.99
N PHE B 261 2.76 42.69 -10.87
CA PHE B 261 1.61 43.52 -10.57
C PHE B 261 2.03 44.93 -10.15
#